data_5IHS
#
_entry.id   5IHS
#
_cell.length_a   46.510
_cell.length_b   70.210
_cell.length_c   46.850
_cell.angle_alpha   90.00
_cell.angle_beta   118.03
_cell.angle_gamma   90.00
#
_symmetry.space_group_name_H-M   'P 1 21 1'
#
loop_
_entity.id
_entity.type
_entity.pdbx_description
1 polymer 'Endoglucanase, glycoside hydrolase family 5 protein'
2 water water
#
_entity_poly.entity_id   1
_entity_poly.type   'polypeptide(L)'
_entity_poly.pdbx_seq_one_letter_code
;GMIKKISVVLVLLTGMLLSASVFAQKTIVEKYGKLSVKGNYMVGQYGDTVQLRGMSLFWSQWMGQYYNSDVVKWLRDDWK
CTVVRAAMGVEMDGYLENPDTEKMKVMEVVNAAIAKGIYVIIDYHSHEAQKNPAAAQRFFSEMAKKYGNIPNIIYEVYNE
PLQATSWNKDIKPYAEGVITKIRVYDTTNIIVVGTRQWSQLVTEAAANPITRQNIMYTLHFYPGTHKQELRNEAQKALDM
GIALFVTEYGTCDASGNGNFSPEETALWYEFLDAHKISYCNWSIADKPETASAIVPAASPYGGWADYDLTPSGKLVRDDL
RLKNGPIFDSLVKTSTGGVSKKKSKTK
;
_entity_poly.pdbx_strand_id   A
#
# COMPACT_ATOMS: atom_id res chain seq x y z
N LYS A 26 -19.66 6.05 -13.98
CA LYS A 26 -19.30 5.46 -12.69
C LYS A 26 -17.79 5.24 -12.55
N THR A 27 -17.23 5.56 -11.37
CA THR A 27 -15.83 5.38 -11.00
C THR A 27 -15.65 4.03 -10.31
N ILE A 28 -14.38 3.66 -10.10
CA ILE A 28 -14.06 2.42 -9.40
C ILE A 28 -14.65 2.42 -8.01
N VAL A 29 -14.51 3.54 -7.29
CA VAL A 29 -15.01 3.61 -5.93
C VAL A 29 -16.54 3.59 -5.92
N GLU A 30 -17.19 4.15 -6.94
CA GLU A 30 -18.65 4.01 -7.03
C GLU A 30 -19.04 2.56 -7.31
N LYS A 31 -18.24 1.83 -8.08
CA LYS A 31 -18.52 0.43 -8.37
C LYS A 31 -18.49 -0.43 -7.12
N TYR A 32 -17.40 -0.35 -6.35
CA TYR A 32 -17.22 -1.27 -5.22
C TYR A 32 -17.70 -0.68 -3.89
N GLY A 33 -17.64 0.64 -3.72
CA GLY A 33 -18.13 1.29 -2.52
C GLY A 33 -17.22 1.10 -1.32
N LYS A 34 -17.84 1.15 -0.14
CA LYS A 34 -17.12 0.98 1.11
C LYS A 34 -16.56 -0.42 1.19
N LEU A 35 -15.31 -0.52 1.65
CA LEU A 35 -14.59 -1.78 1.78
C LEU A 35 -14.62 -2.26 3.22
N SER A 36 -14.58 -3.58 3.37
CA SER A 36 -14.52 -4.20 4.68
C SER A 36 -13.80 -5.54 4.55
N VAL A 37 -13.64 -6.24 5.66
CA VAL A 37 -12.91 -7.50 5.70
C VAL A 37 -13.86 -8.59 6.16
N LYS A 38 -13.87 -9.71 5.44
CA LYS A 38 -14.59 -10.93 5.82
C LYS A 38 -13.62 -12.09 5.70
N GLY A 39 -13.21 -12.67 6.84
CA GLY A 39 -12.28 -13.78 6.80
C GLY A 39 -10.99 -13.39 6.10
N ASN A 40 -10.62 -14.18 5.08
CA ASN A 40 -9.39 -13.95 4.33
C ASN A 40 -9.54 -12.88 3.26
N TYR A 41 -10.69 -12.20 3.15
CA TYR A 41 -11.00 -11.42 1.96
C TYR A 41 -11.38 -9.98 2.26
N MET A 42 -11.04 -9.12 1.31
N MET A 42 -11.00 -9.12 1.33
CA MET A 42 -11.57 -7.77 1.28
CA MET A 42 -11.56 -7.78 1.22
C MET A 42 -12.82 -7.77 0.41
C MET A 42 -12.85 -7.86 0.43
N VAL A 43 -13.90 -7.20 0.94
CA VAL A 43 -15.20 -7.21 0.28
C VAL A 43 -15.72 -5.78 0.20
N GLY A 44 -16.67 -5.58 -0.72
CA GLY A 44 -17.28 -4.29 -0.92
C GLY A 44 -18.75 -4.29 -0.50
N GLN A 45 -19.32 -3.08 -0.40
CA GLN A 45 -20.64 -2.93 0.21
C GLN A 45 -21.75 -3.53 -0.63
N TYR A 46 -21.52 -3.81 -1.91
CA TYR A 46 -22.54 -4.36 -2.78
C TYR A 46 -22.37 -5.86 -3.01
N GLY A 47 -21.54 -6.52 -2.21
CA GLY A 47 -21.39 -7.95 -2.26
C GLY A 47 -20.25 -8.44 -3.13
N ASP A 48 -19.39 -7.55 -3.61
CA ASP A 48 -18.24 -7.99 -4.38
C ASP A 48 -17.12 -8.45 -3.46
N THR A 49 -16.38 -9.45 -3.90
CA THR A 49 -15.04 -9.71 -3.34
C THR A 49 -14.06 -8.86 -4.15
N VAL A 50 -13.32 -8.00 -3.47
CA VAL A 50 -12.54 -6.93 -4.11
C VAL A 50 -11.06 -7.26 -4.06
N GLN A 51 -10.38 -7.04 -5.19
CA GLN A 51 -8.93 -7.11 -5.29
C GLN A 51 -8.46 -5.84 -6.01
N LEU A 52 -7.70 -5.01 -5.32
CA LEU A 52 -7.16 -3.77 -5.85
C LEU A 52 -5.74 -4.02 -6.35
N ARG A 53 -5.33 -3.25 -7.36
CA ARG A 53 -3.95 -3.29 -7.82
C ARG A 53 -3.55 -1.90 -8.24
N GLY A 54 -2.34 -1.50 -7.87
CA GLY A 54 -1.89 -0.17 -8.22
C GLY A 54 -0.42 0.06 -7.95
N MET A 55 -0.11 1.32 -7.67
CA MET A 55 1.26 1.78 -7.51
C MET A 55 1.43 2.50 -6.19
N SER A 56 2.61 2.31 -5.61
CA SER A 56 3.08 3.13 -4.51
C SER A 56 3.94 4.26 -5.03
N LEU A 57 3.72 5.45 -4.48
CA LEU A 57 4.70 6.50 -4.54
C LEU A 57 5.88 6.13 -3.62
N PHE A 58 6.99 6.79 -3.84
CA PHE A 58 8.21 6.61 -3.05
C PHE A 58 8.16 7.56 -1.86
N TRP A 59 9.07 7.35 -0.91
CA TRP A 59 9.24 8.24 0.24
C TRP A 59 8.90 9.68 -0.07
N SER A 60 7.92 10.25 0.65
CA SER A 60 7.40 11.56 0.32
C SER A 60 8.44 12.67 0.44
N GLN A 61 9.41 12.53 1.35
CA GLN A 61 10.38 13.61 1.53
C GLN A 61 11.45 13.61 0.45
N TRP A 62 11.56 12.54 -0.33
CA TRP A 62 12.60 12.41 -1.34
C TRP A 62 12.08 12.36 -2.77
N MET A 63 10.81 12.00 -2.97
CA MET A 63 10.20 11.98 -4.30
C MET A 63 8.86 12.71 -4.27
N GLY A 64 8.79 13.79 -3.48
CA GLY A 64 7.57 14.55 -3.31
C GLY A 64 7.07 15.23 -4.57
N GLN A 65 7.92 15.38 -5.58
CA GLN A 65 7.49 16.02 -6.82
C GLN A 65 6.40 15.23 -7.53
N TYR A 66 6.25 13.94 -7.22
CA TYR A 66 5.22 13.10 -7.85
C TYR A 66 3.92 13.04 -7.06
N TYR A 67 3.87 13.72 -5.90
CA TYR A 67 2.68 13.70 -5.04
C TYR A 67 1.70 14.78 -5.51
N ASN A 68 1.06 14.51 -6.65
CA ASN A 68 0.23 15.54 -7.26
C ASN A 68 -0.91 14.90 -8.06
N SER A 69 -1.91 15.74 -8.37
CA SER A 69 -3.11 15.25 -9.01
C SER A 69 -2.87 14.82 -10.45
N ASP A 70 -1.90 15.41 -11.15
CA ASP A 70 -1.61 14.98 -12.52
C ASP A 70 -1.11 13.53 -12.53
N VAL A 71 -0.22 13.19 -11.61
CA VAL A 71 0.25 11.80 -11.49
C VAL A 71 -0.91 10.87 -11.16
N VAL A 72 -1.74 11.22 -10.19
CA VAL A 72 -2.85 10.33 -9.82
C VAL A 72 -3.77 10.10 -11.02
N LYS A 73 -4.12 11.16 -11.75
CA LYS A 73 -4.98 11.01 -12.92
C LYS A 73 -4.34 10.10 -13.96
N TRP A 74 -3.04 10.29 -14.22
CA TRP A 74 -2.34 9.47 -15.20
C TRP A 74 -2.26 8.03 -14.75
N LEU A 75 -2.03 7.79 -13.46
CA LEU A 75 -2.02 6.42 -12.96
C LEU A 75 -3.37 5.74 -13.16
N ARG A 76 -4.47 6.47 -12.97
CA ARG A 76 -5.79 5.89 -13.25
C ARG A 76 -5.99 5.67 -14.75
N ASP A 77 -5.75 6.70 -15.55
CA ASP A 77 -6.17 6.67 -16.95
C ASP A 77 -5.24 5.81 -17.81
N ASP A 78 -3.94 5.87 -17.57
CA ASP A 78 -2.97 5.16 -18.41
C ASP A 78 -2.48 3.86 -17.77
N TRP A 79 -2.22 3.87 -16.46
CA TRP A 79 -1.77 2.66 -15.80
C TRP A 79 -2.93 1.78 -15.30
N LYS A 80 -4.16 2.29 -15.29
CA LYS A 80 -5.32 1.54 -14.82
C LYS A 80 -5.18 1.14 -13.35
N CYS A 81 -4.56 1.99 -12.55
CA CYS A 81 -4.55 1.76 -11.11
C CYS A 81 -5.94 1.91 -10.51
N THR A 82 -6.31 0.97 -9.63
CA THR A 82 -7.50 1.11 -8.81
C THR A 82 -7.19 1.56 -7.38
N VAL A 83 -5.90 1.68 -7.05
CA VAL A 83 -5.45 2.18 -5.77
C VAL A 83 -4.08 2.85 -6.00
N VAL A 84 -3.80 3.87 -5.19
CA VAL A 84 -2.49 4.51 -5.14
C VAL A 84 -2.10 4.62 -3.66
N ARG A 85 -0.81 4.49 -3.38
CA ARG A 85 -0.28 4.52 -2.01
C ARG A 85 0.62 5.74 -1.82
N ALA A 86 0.29 6.54 -0.81
CA ALA A 86 1.07 7.71 -0.42
C ALA A 86 1.99 7.29 0.73
N ALA A 87 3.29 7.20 0.44
CA ALA A 87 4.29 6.68 1.38
C ALA A 87 4.92 7.85 2.13
N MET A 88 4.28 8.25 3.23
CA MET A 88 4.73 9.43 3.97
C MET A 88 5.92 9.05 4.84
N GLY A 89 7.10 9.58 4.52
CA GLY A 89 8.26 9.33 5.36
C GLY A 89 8.06 9.94 6.74
N VAL A 90 8.54 9.23 7.75
CA VAL A 90 8.34 9.60 9.15
C VAL A 90 9.65 10.05 9.79
N GLU A 91 10.65 9.16 9.81
N GLU A 91 10.66 9.16 9.81
CA GLU A 91 12.02 9.46 10.22
CA GLU A 91 12.01 9.52 10.22
C GLU A 91 12.78 10.09 9.04
C GLU A 91 12.76 10.16 9.06
N MET A 92 14.01 10.51 9.31
CA MET A 92 14.94 11.00 8.27
C MET A 92 14.37 12.19 7.49
N ASP A 93 14.10 13.27 8.23
CA ASP A 93 13.63 14.53 7.65
C ASP A 93 12.25 14.38 7.01
N GLY A 94 11.43 13.51 7.57
CA GLY A 94 10.06 13.31 7.14
C GLY A 94 9.07 14.01 8.06
N TYR A 95 7.96 13.32 8.31
CA TYR A 95 6.84 13.89 9.05
C TYR A 95 7.22 14.35 10.45
N LEU A 96 8.06 13.60 11.17
CA LEU A 96 8.37 14.02 12.54
C LEU A 96 9.03 15.39 12.57
N GLU A 97 9.90 15.68 11.60
CA GLU A 97 10.58 16.96 11.54
C GLU A 97 9.79 18.03 10.78
N ASN A 98 9.03 17.61 9.77
CA ASN A 98 8.37 18.52 8.84
C ASN A 98 6.91 18.12 8.69
N PRO A 99 6.13 18.19 9.76
CA PRO A 99 4.79 17.59 9.71
C PRO A 99 3.86 18.24 8.71
N ASP A 100 3.84 19.57 8.63
CA ASP A 100 2.91 20.23 7.71
C ASP A 100 3.24 19.92 6.26
N THR A 101 4.53 19.94 5.90
CA THR A 101 4.91 19.69 4.51
C THR A 101 4.57 18.27 4.09
N GLU A 102 4.89 17.29 4.93
CA GLU A 102 4.67 15.90 4.52
C GLU A 102 3.19 15.55 4.54
N LYS A 103 2.45 16.05 5.52
CA LYS A 103 1.00 15.82 5.52
C LYS A 103 0.34 16.46 4.31
N MET A 104 0.83 17.63 3.89
CA MET A 104 0.26 18.28 2.70
C MET A 104 0.39 17.39 1.48
N LYS A 105 1.56 16.76 1.28
CA LYS A 105 1.78 15.89 0.13
C LYS A 105 0.81 14.71 0.16
N VAL A 106 0.64 14.10 1.34
CA VAL A 106 -0.33 13.01 1.47
C VAL A 106 -1.73 13.47 1.09
N MET A 107 -2.15 14.61 1.64
CA MET A 107 -3.49 15.10 1.39
C MET A 107 -3.71 15.43 -0.08
N GLU A 108 -2.68 15.93 -0.77
CA GLU A 108 -2.84 16.20 -2.19
C GLU A 108 -3.15 14.92 -2.94
N VAL A 109 -2.47 13.82 -2.60
CA VAL A 109 -2.72 12.54 -3.25
C VAL A 109 -4.09 11.99 -2.87
N VAL A 110 -4.43 12.04 -1.58
CA VAL A 110 -5.76 11.59 -1.14
C VAL A 110 -6.85 12.37 -1.86
N ASN A 111 -6.70 13.71 -1.90
CA ASN A 111 -7.71 14.54 -2.54
C ASN A 111 -7.87 14.17 -4.01
N ALA A 112 -6.76 13.90 -4.68
CA ALA A 112 -6.81 13.53 -6.09
C ALA A 112 -7.47 12.17 -6.27
N ALA A 113 -7.15 11.20 -5.40
CA ALA A 113 -7.81 9.91 -5.49
C ALA A 113 -9.31 10.03 -5.32
N ILE A 114 -9.74 10.90 -4.39
CA ILE A 114 -11.18 11.13 -4.21
C ILE A 114 -11.78 11.76 -5.46
N ALA A 115 -11.10 12.77 -6.03
CA ALA A 115 -11.61 13.42 -7.23
C ALA A 115 -11.69 12.45 -8.41
N LYS A 116 -10.74 11.52 -8.50
CA LYS A 116 -10.66 10.61 -9.63
C LYS A 116 -11.33 9.27 -9.38
N GLY A 117 -11.88 9.07 -8.19
CA GLY A 117 -12.65 7.88 -7.90
C GLY A 117 -11.87 6.58 -7.77
N ILE A 118 -10.65 6.63 -7.24
CA ILE A 118 -9.89 5.41 -6.93
C ILE A 118 -9.59 5.38 -5.44
N TYR A 119 -9.15 4.21 -4.97
CA TYR A 119 -8.81 4.05 -3.56
C TYR A 119 -7.41 4.61 -3.29
N VAL A 120 -7.14 4.92 -2.03
CA VAL A 120 -5.86 5.52 -1.65
C VAL A 120 -5.44 4.98 -0.29
N ILE A 121 -4.17 4.56 -0.21
CA ILE A 121 -3.57 4.11 1.05
C ILE A 121 -2.77 5.25 1.64
N ILE A 122 -3.09 5.60 2.88
CA ILE A 122 -2.33 6.57 3.67
C ILE A 122 -1.32 5.75 4.47
N ASP A 123 -0.05 5.74 4.02
CA ASP A 123 1.01 4.90 4.58
C ASP A 123 1.95 5.71 5.46
N TYR A 124 1.96 5.36 6.75
CA TYR A 124 2.91 5.90 7.73
C TYR A 124 4.21 5.13 7.52
N HIS A 125 5.09 5.71 6.72
CA HIS A 125 6.21 4.96 6.12
C HIS A 125 7.40 4.99 7.06
N SER A 126 7.25 4.19 8.12
CA SER A 126 8.18 4.13 9.24
C SER A 126 8.70 2.71 9.47
N HIS A 127 9.91 2.65 10.01
CA HIS A 127 10.53 1.42 10.52
C HIS A 127 10.59 1.39 12.04
N GLU A 128 10.01 2.38 12.72
CA GLU A 128 10.14 2.45 14.18
C GLU A 128 9.00 3.26 14.78
N ALA A 129 7.79 3.04 14.28
CA ALA A 129 6.64 3.85 14.66
C ALA A 129 6.37 3.79 16.17
N GLN A 130 6.61 2.64 16.78
CA GLN A 130 6.30 2.47 18.20
C GLN A 130 7.11 3.39 19.09
N LYS A 131 8.20 3.97 18.58
CA LYS A 131 9.02 4.87 19.38
C LYS A 131 8.37 6.24 19.55
N ASN A 132 7.48 6.64 18.67
CA ASN A 132 6.81 7.95 18.77
C ASN A 132 5.32 7.76 18.55
N PRO A 133 4.64 7.05 19.47
CA PRO A 133 3.22 6.76 19.25
C PRO A 133 2.35 7.99 19.27
N ALA A 134 2.70 9.01 20.05
CA ALA A 134 1.86 10.19 20.09
C ALA A 134 1.84 10.90 18.75
N ALA A 135 3.00 10.98 18.09
CA ALA A 135 3.04 11.59 16.77
C ALA A 135 2.17 10.84 15.78
N ALA A 136 2.24 9.51 15.81
CA ALA A 136 1.46 8.70 14.88
C ALA A 136 -0.04 8.82 15.17
N GLN A 137 -0.41 8.79 16.44
CA GLN A 137 -1.81 8.94 16.82
C GLN A 137 -2.34 10.29 16.37
N ARG A 138 -1.54 11.34 16.52
CA ARG A 138 -1.97 12.68 16.12
C ARG A 138 -2.22 12.72 14.61
N PHE A 139 -1.27 12.18 13.83
CA PHE A 139 -1.41 12.17 12.38
C PHE A 139 -2.67 11.42 11.95
N PHE A 140 -2.85 10.21 12.46
CA PHE A 140 -3.99 9.42 12.03
C PHE A 140 -5.31 9.99 12.53
N SER A 141 -5.33 10.59 13.72
CA SER A 141 -6.54 11.28 14.17
CA SER A 141 -6.55 11.26 14.16
C SER A 141 -6.92 12.40 13.20
N GLU A 142 -5.93 13.17 12.77
CA GLU A 142 -6.21 14.26 11.83
C GLU A 142 -6.74 13.72 10.50
N MET A 143 -6.13 12.67 9.98
CA MET A 143 -6.58 12.11 8.71
C MET A 143 -7.97 11.53 8.84
N ALA A 144 -8.24 10.80 9.92
CA ALA A 144 -9.55 10.20 10.11
C ALA A 144 -10.62 11.25 10.33
N LYS A 145 -10.30 12.32 11.06
CA LYS A 145 -11.30 13.38 11.25
C LYS A 145 -11.66 14.02 9.92
N LYS A 146 -10.67 14.23 9.06
CA LYS A 146 -10.94 14.91 7.79
C LYS A 146 -11.61 13.99 6.79
N TYR A 147 -11.14 12.74 6.68
CA TYR A 147 -11.56 11.86 5.60
C TYR A 147 -12.43 10.70 6.07
N GLY A 148 -12.83 10.68 7.34
CA GLY A 148 -13.44 9.50 7.92
C GLY A 148 -14.70 9.01 7.23
N ASN A 149 -15.48 9.91 6.65
CA ASN A 149 -16.74 9.49 6.02
C ASN A 149 -16.60 9.10 4.55
N ILE A 150 -15.41 8.76 4.07
CA ILE A 150 -15.12 8.70 2.64
C ILE A 150 -14.64 7.31 2.26
N PRO A 151 -15.25 6.65 1.28
CA PRO A 151 -14.95 5.21 1.06
C PRO A 151 -13.60 4.95 0.42
N ASN A 152 -12.95 5.96 -0.14
CA ASN A 152 -11.69 5.74 -0.84
C ASN A 152 -10.54 5.37 0.09
N ILE A 153 -10.65 5.66 1.39
CA ILE A 153 -9.51 5.69 2.30
C ILE A 153 -9.19 4.30 2.83
N ILE A 154 -7.91 3.94 2.79
CA ILE A 154 -7.33 2.79 3.48
C ILE A 154 -6.16 3.32 4.30
N TYR A 155 -6.09 2.96 5.58
CA TYR A 155 -5.01 3.41 6.45
C TYR A 155 -3.96 2.32 6.59
N GLU A 156 -2.68 2.70 6.58
CA GLU A 156 -1.56 1.77 6.77
C GLU A 156 -0.68 2.37 7.86
N VAL A 157 -0.78 1.81 9.08
CA VAL A 157 -0.29 2.50 10.27
C VAL A 157 1.20 2.28 10.58
N TYR A 158 1.85 1.33 9.94
CA TYR A 158 3.25 1.03 10.27
C TYR A 158 3.86 0.23 9.10
N ASN A 159 4.43 0.94 8.12
CA ASN A 159 4.96 0.32 6.91
C ASN A 159 5.70 -0.99 7.15
N GLU A 160 6.86 -0.91 7.82
CA GLU A 160 7.80 -2.04 7.90
C GLU A 160 8.49 -2.06 9.25
N PRO A 161 7.88 -2.69 10.25
CA PRO A 161 8.63 -3.04 11.45
C PRO A 161 9.89 -3.81 11.07
N LEU A 162 10.93 -3.65 11.87
CA LEU A 162 12.21 -4.30 11.64
C LEU A 162 12.18 -5.76 12.12
N GLN A 163 13.27 -6.48 11.84
CA GLN A 163 13.35 -7.85 12.32
C GLN A 163 13.30 -7.91 13.85
N ALA A 164 13.84 -6.89 14.53
CA ALA A 164 13.86 -6.88 15.98
C ALA A 164 12.53 -6.51 16.63
N THR A 165 11.56 -6.03 15.85
CA THR A 165 10.36 -5.39 16.39
C THR A 165 9.28 -6.44 16.63
N SER A 166 9.04 -6.77 17.89
CA SER A 166 8.13 -7.87 18.25
C SER A 166 6.68 -7.53 17.94
N TRP A 167 5.94 -8.51 17.39
CA TRP A 167 4.51 -8.37 17.22
C TRP A 167 3.80 -8.18 18.55
N ASN A 168 3.99 -9.12 19.49
CA ASN A 168 3.20 -9.08 20.72
C ASN A 168 3.55 -7.88 21.61
N LYS A 169 4.82 -7.50 21.66
CA LYS A 169 5.27 -6.48 22.60
C LYS A 169 5.32 -5.08 22.01
N ASP A 170 5.60 -4.94 20.71
CA ASP A 170 5.83 -3.63 20.09
C ASP A 170 4.75 -3.28 19.06
N ILE A 171 4.57 -4.11 18.04
CA ILE A 171 3.72 -3.72 16.92
C ILE A 171 2.26 -3.69 17.33
N LYS A 172 1.78 -4.79 17.92
CA LYS A 172 0.35 -4.89 18.22
C LYS A 172 -0.11 -3.80 19.17
N PRO A 173 0.58 -3.54 20.30
CA PRO A 173 0.12 -2.45 21.18
C PRO A 173 0.16 -1.09 20.50
N TYR A 174 1.21 -0.82 19.70
CA TYR A 174 1.25 0.43 18.94
C TYR A 174 0.04 0.54 18.02
N ALA A 175 -0.24 -0.54 17.27
CA ALA A 175 -1.31 -0.50 16.29
C ALA A 175 -2.67 -0.33 16.95
N GLU A 176 -2.88 -1.03 18.06
CA GLU A 176 -4.15 -0.90 18.77
C GLU A 176 -4.40 0.54 19.22
N GLY A 177 -3.36 1.24 19.69
CA GLY A 177 -3.53 2.62 20.08
C GLY A 177 -3.91 3.52 18.91
N VAL A 178 -3.29 3.30 17.75
CA VAL A 178 -3.62 4.09 16.57
C VAL A 178 -5.01 3.73 16.04
N ILE A 179 -5.36 2.45 16.02
CA ILE A 179 -6.68 2.04 15.57
C ILE A 179 -7.77 2.72 16.39
N THR A 180 -7.62 2.73 17.71
CA THR A 180 -8.62 3.38 18.55
C THR A 180 -8.80 4.83 18.15
N LYS A 181 -7.70 5.53 17.89
CA LYS A 181 -7.79 6.93 17.47
C LYS A 181 -8.50 7.08 16.13
N ILE A 182 -8.17 6.23 15.16
CA ILE A 182 -8.84 6.29 13.87
C ILE A 182 -10.34 6.07 14.02
N ARG A 183 -10.70 5.07 14.82
CA ARG A 183 -12.09 4.65 14.96
C ARG A 183 -12.97 5.66 15.68
N VAL A 184 -12.40 6.67 16.34
CA VAL A 184 -13.20 7.79 16.85
C VAL A 184 -13.97 8.43 15.70
N TYR A 185 -13.32 8.58 14.55
CA TYR A 185 -13.84 9.36 13.43
C TYR A 185 -14.17 8.54 12.20
N ASP A 186 -13.58 7.36 12.04
CA ASP A 186 -13.75 6.56 10.84
C ASP A 186 -14.07 5.14 11.30
N THR A 187 -15.35 4.79 11.26
CA THR A 187 -15.78 3.59 11.95
C THR A 187 -15.46 2.31 11.19
N THR A 188 -15.41 2.34 9.84
CA THR A 188 -15.29 1.08 9.10
C THR A 188 -14.20 1.00 8.03
N ASN A 189 -13.55 2.09 7.63
CA ASN A 189 -12.55 1.92 6.57
C ASN A 189 -11.42 1.01 7.04
N ILE A 190 -10.82 0.31 6.08
CA ILE A 190 -9.82 -0.70 6.39
C ILE A 190 -8.56 -0.07 6.96
N ILE A 191 -7.98 -0.75 7.94
CA ILE A 191 -6.69 -0.42 8.52
C ILE A 191 -5.78 -1.63 8.33
N VAL A 192 -4.61 -1.39 7.74
CA VAL A 192 -3.62 -2.43 7.44
C VAL A 192 -2.45 -2.25 8.39
N VAL A 193 -2.03 -3.34 9.04
CA VAL A 193 -1.01 -3.32 10.09
C VAL A 193 0.21 -4.12 9.67
N GLY A 194 1.38 -3.48 9.74
CA GLY A 194 2.63 -4.11 9.39
C GLY A 194 3.04 -5.21 10.34
N THR A 195 3.98 -6.04 9.87
CA THR A 195 4.39 -7.24 10.59
C THR A 195 5.92 -7.28 10.70
N ARG A 196 6.41 -8.17 11.57
CA ARG A 196 7.84 -8.21 11.87
C ARG A 196 8.66 -8.58 10.62
N GLN A 197 9.92 -8.12 10.62
CA GLN A 197 10.88 -8.47 9.58
C GLN A 197 10.46 -7.90 8.24
N TRP A 198 10.32 -6.57 8.20
CA TRP A 198 9.94 -5.84 6.98
C TRP A 198 8.63 -6.36 6.41
N SER A 199 7.67 -6.58 7.31
CA SER A 199 6.33 -7.04 6.93
C SER A 199 6.37 -8.36 6.17
N GLN A 200 7.14 -9.31 6.73
CA GLN A 200 7.17 -10.68 6.24
C GLN A 200 6.44 -11.68 7.13
N LEU A 201 6.53 -11.52 8.45
CA LEU A 201 6.15 -12.58 9.38
C LEU A 201 4.67 -12.50 9.78
N VAL A 202 3.84 -12.66 8.74
CA VAL A 202 2.39 -12.56 8.90
C VAL A 202 1.84 -13.67 9.80
N THR A 203 2.52 -14.81 9.91
CA THR A 203 2.00 -15.86 10.80
C THR A 203 2.00 -15.42 12.27
N GLU A 204 2.89 -14.52 12.67
CA GLU A 204 2.89 -14.07 14.06
C GLU A 204 1.65 -13.24 14.37
N ALA A 205 1.26 -12.38 13.42
CA ALA A 205 0.00 -11.65 13.57
C ALA A 205 -1.18 -12.60 13.53
N ALA A 206 -1.12 -13.61 12.66
CA ALA A 206 -2.24 -14.55 12.55
C ALA A 206 -2.43 -15.33 13.84
N ALA A 207 -1.35 -15.57 14.60
CA ALA A 207 -1.43 -16.28 15.85
C ALA A 207 -1.98 -15.42 16.99
N ASN A 208 -1.87 -14.10 16.88
CA ASN A 208 -2.37 -13.18 17.89
C ASN A 208 -2.94 -11.96 17.20
N PRO A 209 -4.06 -12.12 16.50
CA PRO A 209 -4.58 -11.03 15.68
C PRO A 209 -5.21 -9.94 16.52
N ILE A 210 -5.34 -8.78 15.89
CA ILE A 210 -6.09 -7.66 16.44
C ILE A 210 -7.57 -7.97 16.18
N THR A 211 -8.30 -8.24 17.26
CA THR A 211 -9.68 -8.74 17.17
C THR A 211 -10.63 -7.54 17.12
N ARG A 212 -10.53 -6.81 16.01
N ARG A 212 -10.56 -6.84 15.99
CA ARG A 212 -11.31 -5.62 15.74
CA ARG A 212 -11.34 -5.65 15.74
C ARG A 212 -11.77 -5.67 14.28
C ARG A 212 -11.75 -5.65 14.28
N GLN A 213 -12.81 -4.90 13.97
CA GLN A 213 -13.39 -4.93 12.64
C GLN A 213 -12.48 -4.34 11.59
N ASN A 214 -12.45 -4.98 10.40
CA ASN A 214 -11.85 -4.41 9.19
C ASN A 214 -10.36 -4.09 9.34
N ILE A 215 -9.62 -5.05 9.91
CA ILE A 215 -8.17 -5.02 10.01
C ILE A 215 -7.57 -6.04 9.04
N MET A 216 -6.54 -5.61 8.32
CA MET A 216 -5.74 -6.50 7.48
C MET A 216 -4.28 -6.38 7.90
N TYR A 217 -3.45 -7.28 7.37
CA TYR A 217 -2.04 -7.37 7.77
C TYR A 217 -1.15 -7.31 6.54
N THR A 218 -0.05 -6.60 6.68
CA THR A 218 0.85 -6.32 5.57
C THR A 218 1.76 -7.50 5.24
N LEU A 219 1.89 -7.76 3.94
CA LEU A 219 2.92 -8.62 3.39
C LEU A 219 3.69 -7.83 2.33
N HIS A 220 5.02 -7.76 2.48
CA HIS A 220 5.89 -7.15 1.48
C HIS A 220 6.85 -8.18 0.94
N PHE A 221 7.01 -8.23 -0.39
CA PHE A 221 7.94 -9.17 -1.01
C PHE A 221 8.71 -8.49 -2.13
N TYR A 222 9.92 -9.01 -2.35
CA TYR A 222 10.82 -8.57 -3.40
C TYR A 222 11.31 -9.86 -4.04
N PRO A 223 10.85 -10.20 -5.25
CA PRO A 223 10.99 -11.58 -5.78
C PRO A 223 12.40 -11.99 -6.15
N GLY A 224 13.34 -11.05 -6.25
CA GLY A 224 14.73 -11.45 -6.37
C GLY A 224 15.28 -12.09 -5.12
N THR A 225 14.62 -11.86 -3.99
CA THR A 225 14.98 -12.37 -2.68
C THR A 225 13.98 -13.36 -2.11
N HIS A 226 12.68 -13.07 -2.29
CA HIS A 226 11.61 -13.79 -1.62
C HIS A 226 10.85 -14.63 -2.63
N LYS A 227 10.81 -15.93 -2.40
CA LYS A 227 10.22 -16.88 -3.35
C LYS A 227 9.23 -17.78 -2.65
N GLN A 228 9.25 -19.09 -2.89
CA GLN A 228 8.18 -19.94 -2.39
C GLN A 228 8.11 -19.96 -0.87
N GLU A 229 9.24 -19.81 -0.18
CA GLU A 229 9.21 -19.83 1.28
C GLU A 229 8.31 -18.72 1.85
N LEU A 230 8.33 -17.53 1.25
CA LEU A 230 7.47 -16.47 1.73
C LEU A 230 6.01 -16.65 1.29
N ARG A 231 5.78 -17.24 0.11
CA ARG A 231 4.42 -17.63 -0.24
C ARG A 231 3.88 -18.66 0.76
N ASN A 232 4.74 -19.56 1.23
CA ASN A 232 4.29 -20.55 2.22
C ASN A 232 3.94 -19.87 3.54
N GLU A 233 4.73 -18.87 3.96
CA GLU A 233 4.40 -18.09 5.15
C GLU A 233 3.03 -17.43 4.99
N ALA A 234 2.80 -16.81 3.83
CA ALA A 234 1.51 -16.16 3.59
C ALA A 234 0.37 -17.16 3.65
N GLN A 235 0.53 -18.33 3.02
CA GLN A 235 -0.52 -19.34 3.04
C GLN A 235 -0.84 -19.80 4.46
N LYS A 236 0.20 -19.97 5.29
CA LYS A 236 -0.03 -20.37 6.68
C LYS A 236 -0.82 -19.31 7.45
N ALA A 237 -0.56 -18.03 7.18
CA ALA A 237 -1.35 -16.99 7.81
C ALA A 237 -2.81 -17.03 7.34
N LEU A 238 -3.04 -17.27 6.06
CA LEU A 238 -4.42 -17.41 5.56
C LEU A 238 -5.10 -18.59 6.23
N ASP A 239 -4.36 -19.70 6.43
CA ASP A 239 -4.93 -20.86 7.09
C ASP A 239 -5.43 -20.53 8.49
N MET A 240 -4.78 -19.57 9.13
CA MET A 240 -5.09 -19.16 10.49
C MET A 240 -6.19 -18.09 10.53
N GLY A 241 -6.65 -17.62 9.37
CA GLY A 241 -7.88 -16.86 9.25
C GLY A 241 -7.77 -15.36 9.04
N ILE A 242 -6.57 -14.82 8.83
CA ILE A 242 -6.43 -13.37 8.65
C ILE A 242 -6.42 -13.02 7.16
N ALA A 243 -6.59 -11.73 6.88
CA ALA A 243 -6.55 -11.18 5.53
C ALA A 243 -5.28 -10.37 5.35
N LEU A 244 -4.61 -10.57 4.22
CA LEU A 244 -3.35 -9.92 3.89
C LEU A 244 -3.57 -8.88 2.80
N PHE A 245 -2.72 -7.85 2.81
CA PHE A 245 -2.69 -6.83 1.76
C PHE A 245 -1.23 -6.58 1.43
N VAL A 246 -0.85 -6.76 0.15
CA VAL A 246 0.51 -6.48 -0.29
C VAL A 246 0.58 -4.97 -0.59
N THR A 247 0.84 -4.16 0.43
CA THR A 247 0.89 -2.72 0.20
C THR A 247 2.15 -2.31 -0.50
N GLU A 248 3.14 -3.20 -0.61
CA GLU A 248 4.37 -2.90 -1.33
C GLU A 248 5.00 -4.20 -1.82
N TYR A 249 5.38 -4.22 -3.10
CA TYR A 249 6.21 -5.30 -3.61
C TYR A 249 7.09 -4.72 -4.71
N GLY A 250 8.23 -5.37 -4.93
CA GLY A 250 9.10 -5.04 -6.04
C GLY A 250 9.13 -6.14 -7.10
N THR A 251 9.95 -5.88 -8.11
CA THR A 251 10.23 -6.87 -9.16
C THR A 251 11.66 -7.39 -9.09
N CYS A 252 12.41 -7.03 -8.06
CA CYS A 252 13.85 -7.22 -8.03
C CYS A 252 14.25 -7.72 -6.64
N ASP A 253 15.53 -7.64 -6.30
CA ASP A 253 15.81 -8.08 -4.95
C ASP A 253 15.45 -6.99 -3.92
N ALA A 254 15.52 -7.38 -2.66
CA ALA A 254 14.95 -6.59 -1.58
C ALA A 254 15.67 -5.28 -1.36
N SER A 255 16.88 -5.11 -1.90
CA SER A 255 17.57 -3.83 -1.79
C SER A 255 16.99 -2.77 -2.69
N GLY A 256 16.12 -3.15 -3.65
CA GLY A 256 15.62 -2.21 -4.63
C GLY A 256 16.47 -2.08 -5.86
N ASN A 257 17.60 -2.77 -5.94
CA ASN A 257 18.51 -2.66 -7.07
C ASN A 257 19.13 -4.03 -7.31
N GLY A 258 19.09 -4.47 -8.56
CA GLY A 258 19.67 -5.75 -8.95
C GLY A 258 18.66 -6.89 -8.96
N ASN A 259 19.01 -7.91 -9.74
N ASN A 259 19.01 -7.95 -9.70
CA ASN A 259 18.27 -9.16 -9.80
CA ASN A 259 18.22 -9.19 -9.72
C ASN A 259 16.80 -8.95 -10.18
C ASN A 259 16.77 -8.95 -10.17
N PHE A 260 16.59 -8.21 -11.26
CA PHE A 260 15.27 -8.10 -11.87
C PHE A 260 14.76 -9.51 -12.18
N SER A 261 13.55 -9.82 -11.71
CA SER A 261 13.06 -11.21 -11.67
C SER A 261 11.65 -11.28 -12.23
N PRO A 262 11.48 -11.11 -13.54
CA PRO A 262 10.11 -11.14 -14.11
C PRO A 262 9.39 -12.47 -13.94
N GLU A 263 10.06 -13.61 -14.13
CA GLU A 263 9.37 -14.88 -13.98
C GLU A 263 8.93 -15.12 -12.54
N GLU A 264 9.78 -14.78 -11.57
CA GLU A 264 9.37 -14.96 -10.18
C GLU A 264 8.25 -13.99 -9.81
N THR A 265 8.29 -12.77 -10.35
CA THR A 265 7.19 -11.84 -10.12
C THR A 265 5.87 -12.44 -10.59
N ALA A 266 5.89 -13.11 -11.75
CA ALA A 266 4.68 -13.75 -12.26
C ALA A 266 4.18 -14.87 -11.36
N LEU A 267 5.09 -15.62 -10.73
CA LEU A 267 4.65 -16.63 -9.76
C LEU A 267 3.96 -15.98 -8.57
N TRP A 268 4.44 -14.80 -8.14
CA TRP A 268 3.75 -14.07 -7.10
C TRP A 268 2.39 -13.59 -7.57
N TYR A 269 2.30 -13.01 -8.77
CA TYR A 269 1.00 -12.57 -9.27
C TYR A 269 0.00 -13.73 -9.28
N GLU A 270 0.45 -14.92 -9.70
CA GLU A 270 -0.43 -16.09 -9.73
C GLU A 270 -0.98 -16.39 -8.33
N PHE A 271 -0.10 -16.38 -7.33
CA PHE A 271 -0.52 -16.63 -5.95
C PHE A 271 -1.47 -15.55 -5.44
N LEU A 272 -1.12 -14.28 -5.67
CA LEU A 272 -1.95 -13.19 -5.17
C LEU A 272 -3.32 -13.21 -5.81
N ASP A 273 -3.39 -13.45 -7.12
CA ASP A 273 -4.69 -13.51 -7.79
C ASP A 273 -5.50 -14.70 -7.30
N ALA A 274 -4.84 -15.85 -7.05
CA ALA A 274 -5.57 -17.02 -6.58
C ALA A 274 -6.27 -16.75 -5.25
N HIS A 275 -5.70 -15.88 -4.43
CA HIS A 275 -6.21 -15.55 -3.10
C HIS A 275 -6.87 -14.17 -3.04
N LYS A 276 -7.02 -13.52 -4.18
CA LYS A 276 -7.64 -12.20 -4.25
C LYS A 276 -6.98 -11.20 -3.30
N ILE A 277 -5.65 -11.21 -3.26
CA ILE A 277 -4.85 -10.32 -2.42
C ILE A 277 -4.48 -9.08 -3.22
N SER A 278 -4.79 -7.90 -2.68
CA SER A 278 -4.48 -6.66 -3.35
C SER A 278 -2.98 -6.38 -3.31
N TYR A 279 -2.49 -5.64 -4.32
CA TYR A 279 -1.06 -5.40 -4.42
C TYR A 279 -0.71 -4.05 -5.05
N CYS A 280 0.33 -3.40 -4.50
N CYS A 280 0.45 -3.53 -4.63
CA CYS A 280 0.85 -2.13 -5.01
CA CYS A 280 0.88 -2.18 -4.95
C CYS A 280 2.36 -2.23 -5.19
C CYS A 280 2.39 -2.19 -5.16
N ASN A 281 2.85 -1.79 -6.36
CA ASN A 281 4.26 -1.88 -6.68
C ASN A 281 5.07 -0.67 -6.23
N TRP A 282 6.27 -0.93 -5.74
CA TRP A 282 7.27 0.07 -5.39
C TRP A 282 8.22 0.22 -6.58
N SER A 283 8.30 1.38 -7.22
CA SER A 283 7.54 2.59 -6.91
C SER A 283 7.60 3.58 -8.07
N ILE A 284 6.72 4.58 -7.98
CA ILE A 284 6.84 5.79 -8.79
C ILE A 284 7.95 6.65 -8.18
N ALA A 285 9.14 6.51 -8.77
CA ALA A 285 10.33 7.24 -8.39
C ALA A 285 11.21 7.21 -9.62
N ASP A 286 12.07 8.23 -9.75
CA ASP A 286 13.00 8.30 -10.86
C ASP A 286 14.45 8.08 -10.43
N LYS A 287 14.64 7.49 -9.26
CA LYS A 287 15.97 7.10 -8.81
C LYS A 287 16.55 6.05 -9.76
N PRO A 288 17.85 6.11 -10.10
CA PRO A 288 18.43 5.13 -11.03
C PRO A 288 18.72 3.78 -10.39
N GLU A 289 17.65 3.09 -9.99
CA GLU A 289 17.69 1.76 -9.40
C GLU A 289 16.62 0.89 -10.06
N THR A 290 16.81 -0.43 -9.98
CA THR A 290 15.92 -1.37 -10.67
C THR A 290 14.46 -1.17 -10.31
N ALA A 291 14.16 -0.93 -9.03
CA ALA A 291 12.76 -0.90 -8.59
C ALA A 291 12.01 0.31 -9.12
N SER A 292 12.70 1.37 -9.51
CA SER A 292 12.01 2.54 -10.01
C SER A 292 11.25 2.19 -11.28
N ALA A 293 10.01 2.68 -11.37
CA ALA A 293 9.15 2.39 -12.52
C ALA A 293 9.43 3.30 -13.72
N ILE A 294 10.04 4.46 -13.48
CA ILE A 294 10.22 5.48 -14.52
C ILE A 294 11.69 5.92 -14.51
N VAL A 295 12.15 6.42 -15.65
CA VAL A 295 13.55 6.77 -15.85
C VAL A 295 13.90 8.08 -15.15
N PRO A 296 15.20 8.36 -14.91
CA PRO A 296 15.59 9.64 -14.32
C PRO A 296 15.01 10.81 -15.10
N ALA A 297 14.45 11.77 -14.35
CA ALA A 297 13.86 13.00 -14.86
C ALA A 297 12.50 12.79 -15.52
N ALA A 298 11.91 11.61 -15.42
CA ALA A 298 10.56 11.43 -15.95
C ALA A 298 9.62 12.48 -15.36
N SER A 299 8.74 13.01 -16.20
CA SER A 299 7.97 14.20 -15.87
C SER A 299 7.23 14.06 -14.54
N PRO A 300 7.29 15.07 -13.67
CA PRO A 300 6.45 15.06 -12.47
C PRO A 300 4.96 15.18 -12.76
N TYR A 301 4.56 15.41 -14.01
CA TYR A 301 3.15 15.54 -14.36
C TYR A 301 2.58 14.28 -14.97
N GLY A 302 3.33 13.19 -15.01
CA GLY A 302 2.85 12.00 -15.68
C GLY A 302 3.07 12.09 -17.19
N GLY A 303 2.26 11.36 -17.93
CA GLY A 303 2.38 11.34 -19.38
C GLY A 303 3.52 10.51 -19.91
N TRP A 304 4.03 9.58 -19.12
CA TRP A 304 5.25 8.85 -19.45
C TRP A 304 5.05 7.93 -20.64
N ALA A 305 5.85 8.12 -21.67
CA ALA A 305 5.80 7.30 -22.86
C ALA A 305 6.65 6.06 -22.63
N ASP A 306 6.64 5.15 -23.61
CA ASP A 306 7.35 3.89 -23.42
C ASP A 306 8.81 4.12 -23.09
N TYR A 307 9.45 5.10 -23.73
CA TYR A 307 10.86 5.36 -23.48
C TYR A 307 11.13 5.96 -22.10
N ASP A 308 10.09 6.37 -21.39
CA ASP A 308 10.20 6.92 -20.05
C ASP A 308 10.00 5.88 -18.95
N LEU A 309 9.70 4.63 -19.31
CA LEU A 309 9.49 3.54 -18.36
C LEU A 309 10.70 2.64 -18.30
N THR A 310 10.98 2.13 -17.12
CA THR A 310 12.04 1.13 -16.94
C THR A 310 11.49 -0.26 -17.22
N PRO A 311 12.35 -1.27 -17.28
CA PRO A 311 11.84 -2.65 -17.42
C PRO A 311 10.86 -3.01 -16.32
N SER A 312 11.15 -2.61 -15.08
CA SER A 312 10.24 -2.88 -13.98
C SER A 312 8.90 -2.17 -14.19
N GLY A 313 8.95 -0.88 -14.55
CA GLY A 313 7.71 -0.15 -14.78
C GLY A 313 6.87 -0.76 -15.88
N LYS A 314 7.50 -1.18 -16.98
N LYS A 314 7.50 -1.16 -16.98
CA LYS A 314 6.76 -1.78 -18.08
CA LYS A 314 6.76 -1.78 -18.08
C LYS A 314 6.08 -3.07 -17.64
C LYS A 314 6.07 -3.07 -17.62
N LEU A 315 6.79 -3.91 -16.88
CA LEU A 315 6.21 -5.17 -16.41
C LEU A 315 4.98 -4.91 -15.56
N VAL A 316 5.09 -4.00 -14.61
CA VAL A 316 4.01 -3.74 -13.66
C VAL A 316 2.84 -3.05 -14.35
N ARG A 317 3.13 -2.06 -15.19
CA ARG A 317 2.08 -1.36 -15.92
C ARG A 317 1.33 -2.32 -16.85
N ASP A 318 2.04 -3.22 -17.51
CA ASP A 318 1.37 -4.16 -18.38
C ASP A 318 0.41 -5.06 -17.58
N ASP A 319 0.84 -5.52 -16.39
CA ASP A 319 -0.02 -6.33 -15.54
C ASP A 319 -1.26 -5.56 -15.10
N LEU A 320 -1.08 -4.29 -14.68
CA LEU A 320 -2.22 -3.46 -14.30
C LEU A 320 -3.21 -3.30 -15.45
N ARG A 321 -2.72 -2.97 -16.64
CA ARG A 321 -3.61 -2.74 -17.76
C ARG A 321 -4.37 -4.00 -18.12
N LEU A 322 -3.70 -5.14 -18.08
CA LEU A 322 -4.31 -6.41 -18.42
C LEU A 322 -5.39 -6.81 -17.42
N LYS A 323 -5.10 -6.65 -16.13
CA LYS A 323 -6.01 -7.17 -15.10
C LYS A 323 -7.05 -6.17 -14.65
N ASN A 324 -6.67 -4.90 -14.56
CA ASN A 324 -7.66 -3.90 -14.16
C ASN A 324 -8.41 -3.30 -15.34
N GLY A 325 -7.88 -3.41 -16.56
CA GLY A 325 -8.58 -2.89 -17.72
C GLY A 325 -10.03 -3.34 -17.79
N PRO A 326 -10.29 -4.64 -17.61
CA PRO A 326 -11.68 -5.11 -17.67
C PRO A 326 -12.57 -4.56 -16.57
N ILE A 327 -12.00 -4.22 -15.41
CA ILE A 327 -12.79 -3.59 -14.35
C ILE A 327 -13.25 -2.21 -14.79
N PHE A 328 -12.31 -1.40 -15.31
CA PHE A 328 -12.72 -0.11 -15.86
C PHE A 328 -13.71 -0.28 -17.01
N ASP A 329 -13.49 -1.28 -17.87
CA ASP A 329 -14.38 -1.48 -19.00
C ASP A 329 -15.80 -1.88 -18.59
N SER A 330 -15.96 -2.49 -17.41
CA SER A 330 -17.27 -2.96 -16.96
C SER A 330 -18.24 -1.81 -16.72
N LEU A 331 -17.72 -0.60 -16.53
CA LEU A 331 -18.56 0.56 -16.28
C LEU A 331 -18.90 1.27 -17.60
#